data_6D4W
#
_entry.id   6D4W
#
_cell.length_a   88.750
_cell.length_b   88.750
_cell.length_c   84.610
_cell.angle_alpha   90.00
_cell.angle_beta   90.00
_cell.angle_gamma   90.00
#
_symmetry.space_group_name_H-M   'I 4'
#
loop_
_entity.id
_entity.type
_entity.pdbx_description
1 polymer "Inosine-5'-monophosphate dehydrogenase,Inosine-5'-monophosphate dehydrogenase"
2 non-polymer 'INOSINIC ACID'
3 non-polymer 2-(4-fluorophenyl)-1-{4-[(isoquinolin-5-yl)sulfonyl]piperazin-1-yl}ethan-1-one
4 water water
#
_entity_poly.entity_id   1
_entity_poly.type   'polypeptide(L)'
_entity_poly.pdbx_seq_one_letter_code
;GSSIAERSVPIAVPVPTGGDDPTKIAMLGLTFDDVLLLPAASDVLPANADTSSQLTKKIRLKVPLVSSAMDTVTEARMAI
AMARAGGMGVLHRNLPVAEQAAQVETVKRSGGLLVGAAVGVGDDAWERAMALRDAGVDVLVVDTAHAHNRKVLDMVHRLK
TTVGDEIEVVGGNVATRAAAAALVEAGADAVKVGVGPGSICTTRVVAGVGAPQITAILEAVAACAPHGVPVIADGGLQYS
GDIAKALAAGASTAMLGSLLAGTAESPGELILVNGKQFKSYRGMGSLGAMQGRGGAKSYSKDRYFQDDALSEDKLVPEGI
EGRVPFRGPLSTVIHQLVGGLRAAMGYTGSATIEELQQAQFVQITAAGLKESHPHDITMTVEAPNYYAR
;
_entity_poly.pdbx_strand_id   A
#
loop_
_chem_comp.id
_chem_comp.type
_chem_comp.name
_chem_comp.formula
FWJ non-polymer 2-(4-fluorophenyl)-1-{4-[(isoquinolin-5-yl)sulfonyl]piperazin-1-yl}ethan-1-one 'C21 H20 F N3 O3 S'
IMP non-polymer 'INOSINIC ACID' 'C10 H13 N4 O8 P'
#
# COMPACT_ATOMS: atom_id res chain seq x y z
N VAL A 15 -9.22 27.07 24.23
CA VAL A 15 -9.07 26.35 22.97
C VAL A 15 -10.09 26.86 21.95
N PRO A 16 -9.62 27.41 20.82
CA PRO A 16 -10.47 28.07 19.82
C PRO A 16 -11.56 27.18 19.22
N THR A 17 -11.32 25.88 19.11
CA THR A 17 -12.31 24.98 18.50
C THR A 17 -13.22 24.36 19.55
N GLY A 18 -12.99 24.68 20.82
CA GLY A 18 -13.93 24.28 21.85
C GLY A 18 -13.40 23.39 22.94
N GLY A 19 -14.00 23.50 24.13
CA GLY A 19 -13.52 22.74 25.27
C GLY A 19 -12.31 23.39 25.90
N ASP A 20 -11.71 22.70 26.87
CA ASP A 20 -10.53 23.23 27.57
C ASP A 20 -9.31 22.34 27.37
N ASP A 21 -9.42 21.32 26.52
CA ASP A 21 -8.35 20.37 26.28
C ASP A 21 -7.70 20.56 24.89
N PRO A 22 -6.46 21.05 24.87
CA PRO A 22 -5.74 21.33 23.63
C PRO A 22 -5.42 20.06 22.85
N THR A 23 -5.43 18.92 23.54
CA THR A 23 -5.06 17.65 22.92
C THR A 23 -6.25 16.89 22.33
N LYS A 24 -7.47 17.37 22.58
CA LYS A 24 -8.67 16.70 22.09
C LYS A 24 -8.64 16.61 20.58
N ILE A 25 -8.29 17.72 19.94
CA ILE A 25 -8.07 17.73 18.52
C ILE A 25 -6.54 17.79 18.36
N ALA A 26 -5.97 16.62 18.12
CA ALA A 26 -4.53 16.38 18.33
C ALA A 26 -3.64 16.88 17.20
N MET A 27 -4.20 17.01 16.00
N MET A 27 -4.17 16.97 15.99
CA MET A 27 -3.43 17.41 14.83
CA MET A 27 -3.42 17.49 14.87
C MET A 27 -4.33 17.94 13.71
C MET A 27 -4.30 18.00 13.74
N LEU A 28 -3.72 18.61 12.74
CA LEU A 28 -4.39 18.98 11.50
C LEU A 28 -3.93 18.02 10.41
N GLY A 29 -4.83 17.17 9.92
CA GLY A 29 -4.45 16.13 8.99
C GLY A 29 -4.51 16.53 7.53
N LEU A 30 -3.39 16.38 6.84
CA LEU A 30 -3.32 16.69 5.42
C LEU A 30 -3.38 15.43 4.57
N THR A 31 -4.05 15.55 3.43
CA THR A 31 -4.09 14.48 2.46
C THR A 31 -3.27 14.90 1.23
N PHE A 32 -3.19 14.02 0.24
CA PHE A 32 -2.38 14.28 -0.95
C PHE A 32 -2.77 15.60 -1.61
N ASP A 33 -4.07 15.85 -1.74
CA ASP A 33 -4.53 17.06 -2.42
C ASP A 33 -4.18 18.36 -1.66
N ASP A 34 -3.81 18.24 -0.39
CA ASP A 34 -3.46 19.42 0.43
C ASP A 34 -2.06 19.96 0.15
N VAL A 35 -1.23 19.20 -0.56
CA VAL A 35 0.18 19.61 -0.73
C VAL A 35 0.67 19.45 -2.15
N LEU A 36 1.69 20.24 -2.49
CA LEU A 36 2.46 20.02 -3.72
C LEU A 36 3.92 19.91 -3.36
N LEU A 37 4.68 19.19 -4.17
CA LEU A 37 6.14 19.17 -4.05
C LEU A 37 6.76 20.45 -4.60
N LEU A 38 7.68 21.02 -3.85
CA LEU A 38 8.39 22.20 -4.32
C LEU A 38 9.54 21.80 -5.22
N PRO A 39 9.70 22.48 -6.37
CA PRO A 39 10.91 22.24 -7.15
C PRO A 39 12.14 22.66 -6.35
N ALA A 40 13.29 22.04 -6.65
CA ALA A 40 14.54 22.40 -6.00
C ALA A 40 15.68 22.34 -7.02
N ALA A 41 16.87 22.80 -6.65
CA ALA A 41 18.04 22.71 -7.51
C ALA A 41 18.21 21.29 -8.05
N SER A 42 18.35 21.14 -9.36
CA SER A 42 18.39 19.80 -9.93
C SER A 42 19.44 19.60 -11.00
N ASP A 43 20.13 18.48 -10.89
CA ASP A 43 21.04 17.99 -11.91
C ASP A 43 20.50 16.65 -12.45
N VAL A 44 19.26 16.33 -12.10
CA VAL A 44 18.68 15.03 -12.39
C VAL A 44 17.77 15.05 -13.61
N LEU A 45 17.99 14.26 -14.58
CA LEU A 45 17.06 14.08 -15.69
C LEU A 45 16.06 13.00 -15.32
N PRO A 46 14.88 13.17 -15.64
CA PRO A 46 13.86 12.14 -15.35
C PRO A 46 14.28 10.74 -15.82
N ALA A 47 14.78 10.63 -17.05
CA ALA A 47 15.14 9.31 -17.57
C ALA A 47 16.28 8.64 -16.77
N ASN A 48 17.07 9.42 -16.06
CA ASN A 48 18.23 8.91 -15.34
C ASN A 48 18.07 8.76 -13.83
N ALA A 49 16.94 9.21 -13.31
CA ALA A 49 16.68 9.01 -11.90
C ALA A 49 16.65 7.51 -11.58
N ASP A 50 17.07 7.17 -10.37
CA ASP A 50 17.05 5.80 -9.88
C ASP A 50 15.77 5.62 -9.08
N THR A 51 14.82 4.84 -9.58
CA THR A 51 13.53 4.67 -8.91
C THR A 51 13.48 3.50 -7.90
N SER A 52 14.59 2.82 -7.68
CA SER A 52 14.55 1.65 -6.78
C SER A 52 14.34 2.05 -5.33
N SER A 53 13.72 1.18 -4.54
CA SER A 53 13.42 1.51 -3.16
C SER A 53 13.18 0.25 -2.33
N GLN A 54 13.37 0.36 -1.01
CA GLN A 54 13.13 -0.77 -0.12
C GLN A 54 11.63 -1.04 0.06
N LEU A 55 11.20 -2.25 -0.26
CA LEU A 55 9.87 -2.70 0.12
C LEU A 55 9.90 -3.07 1.61
N THR A 56 10.94 -3.80 1.98
CA THR A 56 11.16 -4.19 3.38
C THR A 56 12.62 -3.95 3.73
N LYS A 57 13.01 -4.27 4.96
CA LYS A 57 14.41 -4.09 5.36
C LYS A 57 15.38 -4.76 4.38
N LYS A 58 15.02 -5.94 3.90
CA LYS A 58 15.91 -6.70 3.03
C LYS A 58 15.60 -6.67 1.54
N ILE A 59 14.35 -6.38 1.18
CA ILE A 59 13.97 -6.46 -0.23
C ILE A 59 13.90 -5.08 -0.89
N ARG A 60 14.68 -4.89 -1.96
CA ARG A 60 14.64 -3.66 -2.75
C ARG A 60 13.99 -3.95 -4.10
N LEU A 61 13.02 -3.11 -4.48
CA LEU A 61 12.33 -3.24 -5.76
C LEU A 61 12.91 -2.24 -6.76
N LYS A 62 12.80 -2.53 -8.03
CA LYS A 62 13.26 -1.64 -9.04
C LYS A 62 12.33 -0.44 -9.22
N VAL A 63 11.05 -0.68 -9.02
CA VAL A 63 10.07 0.39 -9.00
CA VAL A 63 10.00 0.33 -9.05
C VAL A 63 9.26 0.29 -7.70
N PRO A 64 9.01 1.44 -7.07
CA PRO A 64 8.51 1.41 -5.69
C PRO A 64 7.01 1.23 -5.57
N LEU A 65 6.49 0.23 -6.26
CA LEU A 65 5.05 0.05 -6.34
C LEU A 65 4.65 -1.39 -6.06
N VAL A 66 3.60 -1.57 -5.27
CA VAL A 66 3.05 -2.91 -5.04
C VAL A 66 1.54 -2.89 -5.25
N SER A 67 0.97 -4.00 -5.70
CA SER A 67 -0.47 -4.03 -5.96
C SER A 67 -1.22 -4.53 -4.73
N SER A 68 -2.41 -3.95 -4.50
CA SER A 68 -3.18 -4.22 -3.29
C SER A 68 -3.63 -5.67 -3.20
N ALA A 69 -3.74 -6.18 -1.98
CA ALA A 69 -4.21 -7.54 -1.73
C ALA A 69 -5.73 -7.56 -1.76
N MET A 70 -6.29 -7.42 -2.96
CA MET A 70 -7.73 -7.32 -3.15
C MET A 70 -8.16 -8.27 -4.27
N ASP A 71 -9.36 -8.84 -4.17
CA ASP A 71 -9.74 -9.84 -5.17
C ASP A 71 -10.25 -9.24 -6.48
N THR A 72 -10.21 -7.91 -6.60
CA THR A 72 -10.42 -7.29 -7.89
C THR A 72 -9.14 -6.60 -8.36
N VAL A 73 -8.02 -6.89 -7.70
CA VAL A 73 -6.74 -6.32 -8.10
C VAL A 73 -5.64 -7.36 -8.32
N THR A 74 -5.35 -8.19 -7.33
CA THR A 74 -4.18 -9.05 -7.43
C THR A 74 -4.39 -10.56 -7.24
N GLU A 75 -4.34 -11.29 -8.35
CA GLU A 75 -4.14 -12.73 -8.32
C GLU A 75 -2.84 -13.02 -9.09
N ALA A 76 -2.63 -14.26 -9.53
CA ALA A 76 -1.33 -14.63 -10.05
C ALA A 76 -0.92 -13.80 -11.26
N ARG A 77 -1.87 -13.55 -12.16
CA ARG A 77 -1.58 -12.79 -13.38
C ARG A 77 -1.04 -11.40 -13.09
N MET A 78 -1.71 -10.69 -12.18
CA MET A 78 -1.26 -9.37 -11.76
C MET A 78 0.10 -9.43 -11.04
N ALA A 79 0.30 -10.44 -10.18
CA ALA A 79 1.55 -10.58 -9.45
C ALA A 79 2.72 -10.79 -10.41
N ILE A 80 2.50 -11.60 -11.43
CA ILE A 80 3.55 -11.89 -12.40
C ILE A 80 3.90 -10.60 -13.13
N ALA A 81 2.87 -9.89 -13.56
CA ALA A 81 3.06 -8.67 -14.32
C ALA A 81 3.71 -7.57 -13.48
N MET A 82 3.29 -7.45 -12.22
CA MET A 82 3.91 -6.48 -11.32
C MET A 82 5.40 -6.75 -11.10
N ALA A 83 5.75 -8.02 -10.84
CA ALA A 83 7.13 -8.39 -10.62
C ALA A 83 7.99 -8.13 -11.86
N ARG A 84 7.44 -8.45 -13.03
CA ARG A 84 8.16 -8.20 -14.29
C ARG A 84 8.36 -6.72 -14.56
N ALA A 85 7.45 -5.90 -14.06
CA ALA A 85 7.52 -4.44 -14.21
C ALA A 85 8.47 -3.85 -13.17
N GLY A 86 8.93 -4.68 -12.24
CA GLY A 86 9.94 -4.28 -11.27
C GLY A 86 9.36 -3.96 -9.90
N GLY A 87 8.05 -4.14 -9.75
CA GLY A 87 7.38 -3.98 -8.47
C GLY A 87 7.05 -5.33 -7.89
N MET A 88 5.92 -5.41 -7.20
CA MET A 88 5.49 -6.68 -6.61
C MET A 88 3.99 -6.72 -6.44
N GLY A 89 3.42 -7.91 -6.49
CA GLY A 89 2.01 -8.08 -6.17
C GLY A 89 1.85 -8.70 -4.79
N VAL A 90 0.78 -8.35 -4.11
CA VAL A 90 0.42 -9.05 -2.87
C VAL A 90 -0.89 -9.78 -3.11
N LEU A 91 -0.82 -11.11 -3.16
CA LEU A 91 -2.00 -11.94 -3.39
C LEU A 91 -3.05 -11.84 -2.28
N HIS A 92 -4.30 -11.61 -2.67
N HIS A 92 -4.30 -11.70 -2.64
CA HIS A 92 -5.38 -11.48 -1.71
CA HIS A 92 -5.37 -11.57 -1.67
C HIS A 92 -5.62 -12.82 -1.00
C HIS A 92 -5.61 -12.91 -0.96
N ARG A 93 -6.33 -12.76 0.11
CA ARG A 93 -6.58 -13.95 0.92
C ARG A 93 -8.06 -14.30 1.02
N ASN A 94 -8.86 -13.76 0.10
CA ASN A 94 -10.29 -14.08 0.04
C ASN A 94 -10.56 -15.32 -0.80
N LEU A 95 -9.94 -16.43 -0.40
CA LEU A 95 -10.04 -17.69 -1.11
C LEU A 95 -9.41 -18.75 -0.20
N PRO A 96 -9.67 -20.03 -0.49
CA PRO A 96 -9.09 -21.10 0.35
C PRO A 96 -7.57 -21.09 0.35
N VAL A 97 -6.99 -21.60 1.43
CA VAL A 97 -5.54 -21.63 1.59
C VAL A 97 -4.83 -22.31 0.42
N ALA A 98 -5.31 -23.49 0.03
CA ALA A 98 -4.67 -24.26 -1.04
C ALA A 98 -4.60 -23.49 -2.35
N GLU A 99 -5.62 -22.67 -2.60
CA GLU A 99 -5.68 -21.87 -3.82
C GLU A 99 -4.74 -20.70 -3.80
N GLN A 100 -4.63 -20.07 -2.66
CA GLN A 100 -3.68 -18.96 -2.51
C GLN A 100 -2.26 -19.47 -2.67
N ALA A 101 -1.98 -20.61 -2.05
CA ALA A 101 -0.66 -21.22 -2.15
C ALA A 101 -0.38 -21.66 -3.57
N ALA A 102 -1.41 -22.13 -4.27
CA ALA A 102 -1.25 -22.51 -5.67
C ALA A 102 -0.97 -21.29 -6.55
N GLN A 103 -1.50 -20.13 -6.16
CA GLN A 103 -1.20 -18.94 -6.93
C GLN A 103 0.25 -18.50 -6.68
N VAL A 104 0.77 -18.73 -5.47
CA VAL A 104 2.17 -18.42 -5.19
C VAL A 104 3.08 -19.27 -6.06
N GLU A 105 2.75 -20.56 -6.15
CA GLU A 105 3.51 -21.49 -6.99
C GLU A 105 3.46 -21.09 -8.46
N THR A 106 2.30 -20.66 -8.92
CA THR A 106 2.15 -20.21 -10.30
C THR A 106 3.08 -19.03 -10.61
N VAL A 107 3.21 -18.11 -9.66
CA VAL A 107 4.10 -16.97 -9.83
C VAL A 107 5.56 -17.42 -9.86
N LYS A 108 5.94 -18.32 -8.97
CA LYS A 108 7.33 -18.78 -8.90
C LYS A 108 7.69 -19.59 -10.14
N ARG A 109 6.71 -20.18 -10.76
CA ARG A 109 6.88 -20.94 -11.98
C ARG A 109 7.26 -20.07 -13.17
N SER A 110 6.98 -18.80 -13.06
CA SER A 110 7.21 -17.86 -14.15
C SER A 110 8.54 -17.13 -14.01
N GLY A 111 9.52 -17.80 -13.42
CA GLY A 111 10.84 -17.21 -13.23
C GLY A 111 11.13 -16.91 -11.77
N GLY A 112 12.27 -16.25 -11.51
CA GLY A 112 12.63 -15.86 -10.17
C GLY A 112 11.94 -14.56 -9.81
N LEU A 113 10.60 -14.62 -9.70
CA LEU A 113 9.79 -13.43 -9.47
C LEU A 113 9.42 -13.30 -8.00
N LEU A 114 9.64 -12.11 -7.44
CA LEU A 114 9.19 -11.79 -6.09
C LEU A 114 7.67 -11.84 -6.00
N VAL A 115 7.15 -12.30 -4.87
CA VAL A 115 5.70 -12.29 -4.66
C VAL A 115 5.37 -12.21 -3.17
N GLY A 116 4.32 -11.47 -2.85
CA GLY A 116 3.81 -11.42 -1.49
C GLY A 116 2.41 -11.99 -1.41
N ALA A 117 1.94 -12.21 -0.20
CA ALA A 117 0.62 -12.76 0.02
C ALA A 117 0.08 -12.33 1.38
N ALA A 118 -1.22 -12.04 1.43
CA ALA A 118 -1.85 -11.57 2.67
C ALA A 118 -2.28 -12.71 3.58
N VAL A 119 -2.18 -12.49 4.89
CA VAL A 119 -2.77 -13.39 5.88
C VAL A 119 -3.47 -12.55 6.92
N GLY A 120 -4.51 -13.09 7.54
CA GLY A 120 -5.22 -12.38 8.59
C GLY A 120 -4.63 -12.69 9.95
N VAL A 121 -5.45 -12.57 10.99
CA VAL A 121 -5.01 -12.96 12.32
C VAL A 121 -6.04 -13.90 12.96
N GLY A 122 -6.93 -14.42 12.13
CA GLY A 122 -7.93 -15.38 12.55
C GLY A 122 -7.35 -16.73 12.91
N ASP A 123 -8.22 -17.71 13.15
CA ASP A 123 -7.79 -19.02 13.62
C ASP A 123 -6.98 -19.77 12.58
N ASP A 124 -7.32 -19.58 11.31
CA ASP A 124 -6.68 -20.30 10.21
C ASP A 124 -5.52 -19.53 9.58
N ALA A 125 -5.20 -18.35 10.12
CA ALA A 125 -4.18 -17.49 9.54
C ALA A 125 -2.79 -18.11 9.63
N TRP A 126 -2.49 -18.74 10.75
CA TRP A 126 -1.19 -19.37 10.93
C TRP A 126 -0.97 -20.48 9.91
N GLU A 127 -1.98 -21.33 9.73
CA GLU A 127 -1.92 -22.41 8.75
C GLU A 127 -1.81 -21.85 7.34
N ARG A 128 -2.51 -20.76 7.07
CA ARG A 128 -2.40 -20.08 5.78
C ARG A 128 -0.95 -19.65 5.57
N ALA A 129 -0.37 -19.01 6.59
CA ALA A 129 0.99 -18.51 6.52
C ALA A 129 2.02 -19.62 6.25
N MET A 130 1.85 -20.76 6.88
CA MET A 130 2.75 -21.86 6.70
C MET A 130 2.62 -22.48 5.32
N ALA A 131 1.42 -22.56 4.79
CA ALA A 131 1.22 -23.04 3.44
C ALA A 131 1.83 -22.10 2.40
N LEU A 132 1.77 -20.80 2.67
CA LEU A 132 2.39 -19.82 1.77
C LEU A 132 3.90 -19.98 1.83
N ARG A 133 4.43 -20.22 3.01
CA ARG A 133 5.82 -20.39 3.17
C ARG A 133 6.32 -21.59 2.41
N ASP A 134 5.59 -22.66 2.52
CA ASP A 134 5.91 -23.87 1.80
C ASP A 134 5.90 -23.64 0.31
N ALA A 135 5.00 -22.79 -0.14
CA ALA A 135 4.87 -22.46 -1.54
C ALA A 135 5.98 -21.56 -2.07
N GLY A 136 6.75 -20.98 -1.19
CA GLY A 136 7.90 -20.19 -1.57
C GLY A 136 7.65 -18.69 -1.63
N VAL A 137 6.68 -18.20 -0.86
CA VAL A 137 6.38 -16.77 -0.84
C VAL A 137 7.57 -16.02 -0.26
N ASP A 138 7.77 -14.80 -0.74
CA ASP A 138 8.90 -13.98 -0.30
C ASP A 138 8.49 -13.02 0.82
N VAL A 139 7.25 -12.56 0.77
CA VAL A 139 6.75 -11.57 1.71
C VAL A 139 5.40 -11.98 2.24
N LEU A 140 5.25 -12.00 3.57
CA LEU A 140 3.96 -12.19 4.19
C LEU A 140 3.45 -10.84 4.69
N VAL A 141 2.21 -10.51 4.35
CA VAL A 141 1.62 -9.27 4.80
C VAL A 141 0.51 -9.58 5.78
N VAL A 142 0.75 -9.26 7.04
CA VAL A 142 -0.30 -9.34 8.04
C VAL A 142 -1.24 -8.19 7.77
N ASP A 143 -2.43 -8.55 7.33
CA ASP A 143 -3.34 -7.70 6.57
C ASP A 143 -4.60 -7.35 7.36
N THR A 144 -4.59 -6.23 8.08
CA THR A 144 -5.72 -5.83 8.92
C THR A 144 -6.05 -4.35 8.74
N ALA A 145 -7.22 -3.96 9.25
CA ALA A 145 -7.64 -2.57 9.18
C ALA A 145 -7.05 -1.75 10.32
N HIS A 146 -6.52 -2.43 11.33
N HIS A 146 -6.51 -2.52 11.36
CA HIS A 146 -6.01 -1.73 12.50
CA HIS A 146 -6.01 -1.82 12.54
C HIS A 146 -5.00 -2.61 13.22
C HIS A 146 -5.00 -2.70 13.26
N ALA A 147 -3.72 -2.36 12.96
CA ALA A 147 -2.67 -3.24 13.46
C ALA A 147 -2.28 -2.95 14.91
N HIS A 148 -2.74 -1.84 15.49
CA HIS A 148 -2.40 -1.53 16.88
C HIS A 148 -3.26 -2.34 17.85
N ASN A 149 -2.94 -3.62 17.93
CA ASN A 149 -3.77 -4.59 18.62
C ASN A 149 -2.88 -5.78 18.97
N ARG A 150 -3.04 -6.32 20.18
CA ARG A 150 -2.12 -7.36 20.66
C ARG A 150 -2.12 -8.59 19.77
N LYS A 151 -3.29 -8.95 19.24
CA LYS A 151 -3.38 -10.12 18.38
C LYS A 151 -2.57 -9.93 17.09
N VAL A 152 -2.63 -8.74 16.51
CA VAL A 152 -1.89 -8.48 15.28
C VAL A 152 -0.39 -8.43 15.53
N LEU A 153 -0.01 -7.71 16.59
CA LEU A 153 1.40 -7.58 16.95
C LEU A 153 2.01 -8.96 17.28
N ASP A 154 1.23 -9.82 17.91
CA ASP A 154 1.70 -11.18 18.22
C ASP A 154 1.93 -12.04 16.98
N MET A 155 1.05 -11.88 15.99
CA MET A 155 1.19 -12.62 14.74
CA MET A 155 1.17 -12.61 14.73
C MET A 155 2.44 -12.19 14.01
N VAL A 156 2.66 -10.88 13.95
CA VAL A 156 3.86 -10.33 13.33
C VAL A 156 5.10 -10.91 14.02
N HIS A 157 5.14 -10.80 15.34
CA HIS A 157 6.27 -11.29 16.12
C HIS A 157 6.49 -12.79 15.93
N ARG A 158 5.45 -13.56 16.01
CA ARG A 158 5.60 -14.98 15.89
C ARG A 158 6.03 -15.41 14.51
N LEU A 159 5.52 -14.77 13.50
CA LEU A 159 5.99 -15.03 12.15
C LEU A 159 7.47 -14.69 12.00
N LYS A 160 7.84 -13.53 12.49
CA LYS A 160 9.20 -13.08 12.38
C LYS A 160 10.17 -14.01 13.11
N THR A 161 9.76 -14.53 14.23
CA THR A 161 10.63 -15.41 15.00
C THR A 161 10.67 -16.83 14.42
N THR A 162 9.63 -17.22 13.72
CA THR A 162 9.53 -18.58 13.18
C THR A 162 10.10 -18.73 11.77
N VAL A 163 9.67 -17.88 10.86
CA VAL A 163 10.11 -17.98 9.47
C VAL A 163 10.84 -16.72 9.00
N GLY A 164 11.23 -15.87 9.94
CA GLY A 164 11.76 -14.55 9.61
C GLY A 164 13.12 -14.50 8.92
N ASP A 165 13.81 -15.63 8.90
CA ASP A 165 15.10 -15.68 8.22
C ASP A 165 14.92 -15.79 6.70
N GLU A 166 13.84 -16.43 6.28
CA GLU A 166 13.61 -16.69 4.86
C GLU A 166 12.52 -15.80 4.26
N ILE A 167 11.69 -15.22 5.13
CA ILE A 167 10.54 -14.45 4.68
C ILE A 167 10.48 -13.10 5.38
N GLU A 168 10.19 -12.06 4.63
CA GLU A 168 10.01 -10.75 5.20
C GLU A 168 8.55 -10.57 5.65
N VAL A 169 8.35 -9.97 6.82
CA VAL A 169 7.00 -9.80 7.33
C VAL A 169 6.55 -8.35 7.41
N VAL A 170 5.49 -8.05 6.68
CA VAL A 170 4.91 -6.71 6.66
C VAL A 170 3.73 -6.68 7.62
N GLY A 171 3.61 -5.62 8.41
CA GLY A 171 2.46 -5.45 9.29
C GLY A 171 1.69 -4.18 8.93
N GLY A 172 0.37 -4.21 9.09
CA GLY A 172 -0.44 -3.03 8.81
C GLY A 172 -1.90 -3.30 9.08
N ASN A 173 -2.77 -2.30 8.98
CA ASN A 173 -2.40 -0.93 8.65
C ASN A 173 -2.40 -0.05 9.87
N VAL A 174 -1.62 1.01 9.81
CA VAL A 174 -1.59 1.98 10.90
C VAL A 174 -1.78 3.39 10.37
N ALA A 175 -2.02 4.33 11.27
CA ALA A 175 -2.21 5.71 10.88
C ALA A 175 -1.63 6.67 11.91
N THR A 176 -0.98 6.13 12.95
CA THR A 176 -0.39 6.94 14.00
C THR A 176 1.05 6.51 14.28
N ARG A 177 1.81 7.43 14.87
CA ARG A 177 3.19 7.18 15.28
C ARG A 177 3.28 6.03 16.28
N ALA A 178 2.40 6.04 17.28
CA ALA A 178 2.44 5.00 18.31
C ALA A 178 2.16 3.61 17.75
N ALA A 179 1.24 3.52 16.77
CA ALA A 179 0.92 2.22 16.17
C ALA A 179 2.10 1.74 15.33
N ALA A 180 2.72 2.65 14.59
CA ALA A 180 3.89 2.27 13.79
C ALA A 180 5.01 1.80 14.73
N ALA A 181 5.19 2.52 15.84
CA ALA A 181 6.23 2.14 16.82
C ALA A 181 6.01 0.73 17.37
N ALA A 182 4.75 0.41 17.65
CA ALA A 182 4.41 -0.91 18.16
C ALA A 182 4.77 -2.02 17.17
N LEU A 183 4.47 -1.81 15.89
CA LEU A 183 4.80 -2.80 14.86
C LEU A 183 6.32 -2.94 14.70
N VAL A 184 7.05 -1.84 14.77
CA VAL A 184 8.51 -1.89 14.76
C VAL A 184 9.04 -2.78 15.90
N GLU A 185 8.55 -2.52 17.11
CA GLU A 185 8.94 -3.33 18.27
C GLU A 185 8.58 -4.81 18.09
N ALA A 186 7.44 -5.08 17.47
CA ALA A 186 6.99 -6.45 17.24
C ALA A 186 7.87 -7.19 16.24
N GLY A 187 8.66 -6.44 15.48
CA GLY A 187 9.60 -7.04 14.55
C GLY A 187 9.25 -6.86 13.08
N ALA A 188 8.31 -5.97 12.77
CA ALA A 188 7.92 -5.76 11.37
C ALA A 188 9.11 -5.39 10.50
N ASP A 189 9.15 -5.97 9.30
CA ASP A 189 10.18 -5.63 8.31
C ASP A 189 9.77 -4.46 7.44
N ALA A 190 8.48 -4.12 7.52
CA ALA A 190 7.92 -2.94 6.87
C ALA A 190 6.61 -2.60 7.54
N VAL A 191 6.24 -1.33 7.49
CA VAL A 191 5.00 -0.89 8.12
C VAL A 191 4.09 -0.27 7.06
N LYS A 192 2.85 -0.75 7.00
CA LYS A 192 1.92 -0.29 5.98
C LYS A 192 0.95 0.71 6.58
N VAL A 193 0.80 1.84 5.92
CA VAL A 193 0.10 3.00 6.45
C VAL A 193 -1.13 3.31 5.63
N GLY A 194 -2.27 3.39 6.32
CA GLY A 194 -3.51 3.80 5.71
C GLY A 194 -4.70 3.24 6.46
N VAL A 195 -5.34 4.08 7.28
CA VAL A 195 -6.59 3.71 7.90
C VAL A 195 -7.65 4.70 7.41
N GLY A 196 -8.53 4.23 6.54
CA GLY A 196 -9.57 5.05 5.94
C GLY A 196 -9.38 5.78 4.61
N PRO A 197 -8.17 5.77 4.00
CA PRO A 197 -8.08 6.63 2.83
C PRO A 197 -8.46 6.00 1.48
N GLY A 198 -8.70 4.70 1.44
CA GLY A 198 -8.95 4.01 0.17
C GLY A 198 -10.11 4.58 -0.63
N SER A 199 -9.98 4.55 -1.95
CA SER A 199 -11.02 5.07 -2.83
C SER A 199 -12.38 4.39 -2.63
N ILE A 200 -12.35 3.11 -2.28
CA ILE A 200 -13.57 2.33 -2.05
C ILE A 200 -13.91 2.20 -0.58
N CYS A 201 -13.29 3.03 0.25
CA CYS A 201 -13.42 2.92 1.71
CA CYS A 201 -13.43 2.92 1.70
C CYS A 201 -14.59 3.73 2.25
N THR A 202 -15.34 3.16 3.18
CA THR A 202 -16.41 3.92 3.82
C THR A 202 -16.24 3.97 5.33
N THR A 203 -15.07 3.56 5.80
CA THR A 203 -14.74 3.62 7.23
C THR A 203 -14.93 5.01 7.79
N ARG A 204 -14.58 6.01 6.98
CA ARG A 204 -14.70 7.39 7.42
C ARG A 204 -16.15 7.80 7.63
N VAL A 205 -17.07 7.25 6.86
CA VAL A 205 -18.47 7.62 7.07
C VAL A 205 -19.19 6.63 8.00
N VAL A 206 -18.78 5.36 7.98
CA VAL A 206 -19.44 4.33 8.80
C VAL A 206 -18.99 4.38 10.27
N ALA A 207 -17.69 4.51 10.50
CA ALA A 207 -17.14 4.54 11.85
C ALA A 207 -16.73 5.96 12.26
N GLY A 208 -16.54 6.84 11.28
CA GLY A 208 -16.11 8.20 11.57
C GLY A 208 -14.64 8.23 11.93
N VAL A 209 -13.91 7.20 11.50
CA VAL A 209 -12.50 7.00 11.84
C VAL A 209 -11.62 7.17 10.60
N GLY A 210 -10.47 7.81 10.78
CA GLY A 210 -9.50 7.86 9.70
C GLY A 210 -8.38 8.80 10.04
N ALA A 211 -7.45 8.94 9.10
CA ALA A 211 -6.33 9.84 9.28
C ALA A 211 -5.84 10.19 7.89
N PRO A 212 -5.95 11.48 7.52
CA PRO A 212 -5.50 11.90 6.18
C PRO A 212 -4.08 11.42 5.91
N GLN A 213 -3.81 11.01 4.67
CA GLN A 213 -2.67 10.15 4.42
C GLN A 213 -1.29 10.82 4.44
N ILE A 214 -1.18 12.10 4.09
CA ILE A 214 0.15 12.73 4.17
C ILE A 214 0.58 12.79 5.64
N THR A 215 -0.31 13.25 6.51
CA THR A 215 -0.03 13.31 7.94
C THR A 215 0.22 11.92 8.55
N ALA A 216 -0.58 10.92 8.16
CA ALA A 216 -0.37 9.55 8.64
C ALA A 216 1.03 9.05 8.23
N ILE A 217 1.46 9.36 7.01
CA ILE A 217 2.78 8.93 6.56
C ILE A 217 3.88 9.66 7.34
N LEU A 218 3.76 10.98 7.48
CA LEU A 218 4.75 11.75 8.23
C LEU A 218 4.91 11.20 9.65
N GLU A 219 3.78 10.88 10.28
CA GLU A 219 3.79 10.34 11.64
C GLU A 219 4.37 8.93 11.72
N ALA A 220 4.00 8.06 10.79
CA ALA A 220 4.50 6.69 10.82
C ALA A 220 6.01 6.65 10.53
N VAL A 221 6.43 7.47 9.58
CA VAL A 221 7.83 7.61 9.23
C VAL A 221 8.66 8.08 10.44
N ALA A 222 8.10 8.98 11.24
CA ALA A 222 8.80 9.48 12.43
C ALA A 222 9.12 8.33 13.39
N ALA A 223 8.30 7.30 13.39
CA ALA A 223 8.54 6.12 14.22
C ALA A 223 9.36 5.03 13.52
N CYS A 224 9.27 4.94 12.19
CA CYS A 224 9.86 3.84 11.45
C CYS A 224 11.26 4.13 10.89
N ALA A 225 11.45 5.31 10.32
CA ALA A 225 12.76 5.65 9.77
C ALA A 225 13.91 5.53 10.80
N PRO A 226 13.73 5.96 12.06
CA PRO A 226 14.90 5.84 12.94
C PRO A 226 15.27 4.40 13.29
N HIS A 227 14.40 3.46 12.95
CA HIS A 227 14.70 2.05 13.14
C HIS A 227 15.00 1.35 11.83
N GLY A 228 15.11 2.12 10.74
CA GLY A 228 15.43 1.57 9.44
C GLY A 228 14.34 0.67 8.86
N VAL A 229 13.11 0.90 9.29
CA VAL A 229 11.95 0.17 8.78
C VAL A 229 11.19 1.00 7.74
N PRO A 230 11.07 0.46 6.52
CA PRO A 230 10.40 1.16 5.41
C PRO A 230 8.91 1.26 5.63
N VAL A 231 8.33 2.37 5.20
CA VAL A 231 6.89 2.57 5.29
C VAL A 231 6.23 2.40 3.93
N ILE A 232 5.16 1.62 3.88
CA ILE A 232 4.38 1.42 2.65
C ILE A 232 3.13 2.28 2.73
N ALA A 233 3.01 3.24 1.80
CA ALA A 233 1.81 4.07 1.73
C ALA A 233 0.68 3.36 1.01
N ASP A 234 -0.38 3.03 1.74
CA ASP A 234 -1.46 2.19 1.23
C ASP A 234 -2.80 2.91 1.22
N GLY A 235 -3.28 3.27 0.04
CA GLY A 235 -4.64 3.78 -0.08
C GLY A 235 -4.69 5.27 -0.36
N GLY A 236 -5.64 5.69 -1.20
CA GLY A 236 -5.85 7.11 -1.43
C GLY A 236 -5.05 7.71 -2.57
N LEU A 237 -4.20 6.91 -3.21
CA LEU A 237 -3.44 7.42 -4.34
C LEU A 237 -4.30 7.42 -5.60
N GLN A 238 -4.53 8.60 -6.16
CA GLN A 238 -5.43 8.77 -7.31
C GLN A 238 -4.70 9.08 -8.60
N TYR A 239 -3.51 9.67 -8.48
CA TYR A 239 -2.75 10.11 -9.64
C TYR A 239 -1.29 9.72 -9.44
N SER A 240 -0.53 9.69 -10.51
CA SER A 240 0.88 9.36 -10.43
C SER A 240 1.60 10.35 -9.52
N GLY A 241 1.14 11.59 -9.52
CA GLY A 241 1.70 12.62 -8.66
C GLY A 241 1.58 12.28 -7.18
N ASP A 242 0.56 11.53 -6.81
CA ASP A 242 0.36 11.15 -5.41
C ASP A 242 1.45 10.21 -4.96
N ILE A 243 1.96 9.42 -5.89
CA ILE A 243 3.04 8.49 -5.59
C ILE A 243 4.27 9.28 -5.19
N ALA A 244 4.59 10.33 -5.95
CA ALA A 244 5.72 11.18 -5.62
C ALA A 244 5.50 11.85 -4.26
N LYS A 245 4.31 12.37 -4.01
CA LYS A 245 4.03 12.97 -2.70
C LYS A 245 4.20 11.99 -1.55
N ALA A 246 3.69 10.77 -1.72
CA ALA A 246 3.76 9.80 -0.65
C ALA A 246 5.22 9.48 -0.31
N LEU A 247 6.04 9.32 -1.35
CA LEU A 247 7.45 8.99 -1.13
C LEU A 247 8.19 10.17 -0.51
N ALA A 248 7.88 11.38 -0.98
CA ALA A 248 8.44 12.58 -0.40
C ALA A 248 8.08 12.75 1.07
N ALA A 249 6.88 12.31 1.45
CA ALA A 249 6.43 12.35 2.84
C ALA A 249 7.25 11.38 3.69
N GLY A 250 7.99 10.50 3.04
CA GLY A 250 8.84 9.58 3.74
C GLY A 250 8.58 8.11 3.49
N ALA A 251 7.47 7.77 2.81
CA ALA A 251 7.22 6.36 2.46
C ALA A 251 8.30 5.83 1.52
N SER A 252 8.52 4.53 1.56
CA SER A 252 9.50 3.89 0.70
C SER A 252 8.86 3.24 -0.53
N THR A 253 7.61 2.82 -0.40
CA THR A 253 6.85 2.33 -1.56
C THR A 253 5.39 2.79 -1.42
N ALA A 254 4.61 2.61 -2.50
CA ALA A 254 3.18 2.87 -2.49
C ALA A 254 2.44 1.61 -2.92
N MET A 255 1.32 1.33 -2.25
CA MET A 255 0.46 0.21 -2.60
C MET A 255 -0.77 0.74 -3.30
N LEU A 256 -1.08 0.20 -4.48
CA LEU A 256 -2.14 0.71 -5.33
C LEU A 256 -3.26 -0.29 -5.54
N GLY A 257 -4.49 0.19 -5.35
CA GLY A 257 -5.67 -0.60 -5.67
C GLY A 257 -6.36 -0.05 -6.90
N SER A 258 -7.03 1.09 -6.75
CA SER A 258 -7.85 1.66 -7.81
CA SER A 258 -7.86 1.65 -7.82
C SER A 258 -7.07 1.91 -9.09
N LEU A 259 -5.85 2.39 -8.92
CA LEU A 259 -5.04 2.74 -10.08
C LEU A 259 -4.68 1.52 -10.91
N LEU A 260 -4.77 0.32 -10.33
CA LEU A 260 -4.40 -0.90 -11.05
C LEU A 260 -5.58 -1.84 -11.31
N ALA A 261 -6.73 -1.56 -10.70
CA ALA A 261 -7.90 -2.40 -10.89
C ALA A 261 -8.50 -2.28 -12.30
N GLY A 262 -8.17 -1.20 -13.00
CA GLY A 262 -8.67 -1.05 -14.35
C GLY A 262 -7.84 -1.77 -15.41
N THR A 263 -6.80 -2.47 -14.99
CA THR A 263 -5.86 -3.03 -15.97
C THR A 263 -6.29 -4.43 -16.44
N ALA A 264 -5.76 -4.83 -17.59
CA ALA A 264 -6.06 -6.13 -18.16
C ALA A 264 -5.72 -7.27 -17.20
N GLU A 265 -4.67 -7.09 -16.39
CA GLU A 265 -4.13 -8.15 -15.55
C GLU A 265 -4.90 -8.39 -14.26
N SER A 266 -5.78 -7.45 -13.93
CA SER A 266 -6.61 -7.61 -12.75
C SER A 266 -7.68 -8.66 -13.00
N PRO A 267 -8.16 -9.29 -11.95
CA PRO A 267 -9.24 -10.26 -12.05
C PRO A 267 -10.48 -9.58 -12.55
N GLY A 268 -11.42 -10.35 -13.01
CA GLY A 268 -12.68 -9.81 -13.43
C GLY A 268 -12.78 -9.43 -14.88
N GLU A 269 -14.01 -9.27 -15.30
CA GLU A 269 -14.38 -9.05 -16.67
C GLU A 269 -14.53 -7.59 -17.04
N LEU A 270 -14.35 -7.29 -18.31
CA LEU A 270 -14.74 -6.01 -18.84
C LEU A 270 -16.23 -5.81 -18.72
N ILE A 271 -16.62 -4.62 -18.33
CA ILE A 271 -18.02 -4.25 -18.26
C ILE A 271 -18.29 -3.03 -19.13
N LEU A 272 -19.40 -3.06 -19.86
CA LEU A 272 -19.75 -1.97 -20.76
C LEU A 272 -20.99 -1.24 -20.26
N VAL A 273 -20.83 0.03 -19.89
CA VAL A 273 -21.99 0.85 -19.58
C VAL A 273 -21.90 2.20 -20.28
N ASN A 274 -23.00 2.58 -20.92
CA ASN A 274 -23.09 3.83 -21.69
C ASN A 274 -21.94 3.98 -22.68
N GLY A 275 -21.60 2.89 -23.37
CA GLY A 275 -20.60 2.93 -24.42
C GLY A 275 -19.15 3.04 -23.96
N LYS A 276 -18.94 2.96 -22.65
CA LYS A 276 -17.59 3.05 -22.10
C LYS A 276 -17.24 1.76 -21.38
N GLN A 277 -15.94 1.44 -21.33
CA GLN A 277 -15.49 0.21 -20.73
C GLN A 277 -15.02 0.43 -19.30
N PHE A 278 -15.40 -0.50 -18.42
CA PHE A 278 -15.06 -0.45 -17.00
C PHE A 278 -14.68 -1.83 -16.49
N LYS A 279 -14.07 -1.88 -15.30
CA LYS A 279 -13.94 -3.15 -14.59
C LYS A 279 -14.45 -2.95 -13.18
N SER A 280 -14.97 -4.01 -12.58
CA SER A 280 -15.47 -3.92 -11.23
C SER A 280 -14.28 -3.78 -10.26
N TYR A 281 -14.47 -2.98 -9.23
CA TYR A 281 -13.47 -2.79 -8.20
C TYR A 281 -14.21 -2.67 -6.87
N ARG A 282 -13.86 -3.53 -5.91
CA ARG A 282 -14.65 -3.57 -4.68
C ARG A 282 -13.76 -3.67 -3.45
N GLY A 283 -14.21 -3.08 -2.35
CA GLY A 283 -13.47 -3.18 -1.12
C GLY A 283 -13.53 -4.59 -0.58
N MET A 284 -12.50 -5.01 0.14
CA MET A 284 -12.54 -6.30 0.80
C MET A 284 -13.48 -6.27 2.00
N GLY A 285 -13.95 -5.08 2.35
CA GLY A 285 -14.94 -4.93 3.41
C GLY A 285 -16.34 -4.65 2.87
N SER A 286 -16.53 -4.81 1.56
CA SER A 286 -17.85 -4.64 0.96
C SER A 286 -18.70 -5.88 1.18
N LEU A 287 -20.01 -5.75 1.04
CA LEU A 287 -20.92 -6.88 1.21
C LEU A 287 -20.54 -8.02 0.28
N GLY A 288 -20.33 -7.69 -0.99
CA GLY A 288 -19.99 -8.68 -2.00
C GLY A 288 -18.70 -9.44 -1.71
N ALA A 289 -17.72 -8.75 -1.14
CA ALA A 289 -16.45 -9.40 -0.80
C ALA A 289 -16.61 -10.30 0.42
N MET A 290 -17.33 -9.81 1.43
CA MET A 290 -17.52 -10.57 2.66
C MET A 290 -18.44 -11.76 2.44
N GLN A 291 -19.29 -11.66 1.40
CA GLN A 291 -20.19 -12.76 1.06
C GLN A 291 -19.69 -13.52 -0.17
N LEU A 315 -24.32 -7.83 8.89
CA LEU A 315 -23.02 -7.32 8.46
C LEU A 315 -23.01 -5.81 8.36
N VAL A 316 -21.88 -5.21 8.73
CA VAL A 316 -21.71 -3.76 8.62
C VAL A 316 -20.49 -3.48 7.74
N PRO A 317 -20.73 -3.25 6.45
CA PRO A 317 -19.63 -3.06 5.50
C PRO A 317 -18.85 -1.76 5.67
N GLU A 318 -17.57 -1.81 5.39
N GLU A 318 -17.56 -1.90 5.42
CA GLU A 318 -16.71 -0.62 5.42
CA GLU A 318 -16.71 -0.71 5.45
C GLU A 318 -16.07 -0.34 4.06
C GLU A 318 -16.06 -0.44 4.09
N GLY A 319 -16.70 -0.88 3.02
CA GLY A 319 -16.27 -0.63 1.65
C GLY A 319 -17.44 -0.73 0.71
N ILE A 320 -17.28 -0.15 -0.48
CA ILE A 320 -18.31 -0.26 -1.51
C ILE A 320 -17.86 -1.14 -2.67
N GLU A 321 -18.81 -1.48 -3.52
CA GLU A 321 -18.54 -2.19 -4.76
C GLU A 321 -18.72 -1.18 -5.87
N GLY A 322 -17.66 -0.91 -6.63
CA GLY A 322 -17.71 0.12 -7.65
C GLY A 322 -17.18 -0.28 -9.01
N ARG A 323 -16.88 0.70 -9.82
CA ARG A 323 -16.24 0.42 -11.07
C ARG A 323 -15.19 1.46 -11.41
N VAL A 324 -14.17 1.03 -12.12
CA VAL A 324 -13.10 1.93 -12.54
C VAL A 324 -12.97 1.81 -14.06
N PRO A 325 -12.57 2.91 -14.72
CA PRO A 325 -12.35 2.82 -16.17
C PRO A 325 -11.30 1.77 -16.54
N PHE A 326 -11.56 1.04 -17.62
CA PHE A 326 -10.58 0.12 -18.16
C PHE A 326 -9.38 0.90 -18.66
N ARG A 327 -8.19 0.49 -18.26
CA ARG A 327 -6.98 1.24 -18.57
C ARG A 327 -5.99 0.52 -19.50
N GLY A 328 -6.28 -0.73 -19.84
CA GLY A 328 -5.40 -1.48 -20.71
C GLY A 328 -4.34 -2.27 -19.97
N PRO A 329 -3.22 -2.57 -20.64
CA PRO A 329 -2.18 -3.42 -20.08
C PRO A 329 -1.53 -2.79 -18.85
N LEU A 330 -1.18 -3.62 -17.88
CA LEU A 330 -0.50 -3.16 -16.67
C LEU A 330 0.80 -2.46 -17.02
N SER A 331 1.57 -3.06 -17.93
CA SER A 331 2.87 -2.54 -18.30
C SER A 331 2.79 -1.07 -18.65
N THR A 332 1.75 -0.71 -19.40
CA THR A 332 1.56 0.66 -19.85
C THR A 332 1.12 1.60 -18.71
N VAL A 333 0.27 1.11 -17.81
CA VAL A 333 -0.12 1.89 -16.64
C VAL A 333 1.11 2.19 -15.78
N ILE A 334 1.91 1.17 -15.51
CA ILE A 334 3.11 1.34 -14.70
C ILE A 334 4.09 2.31 -15.35
N HIS A 335 4.22 2.22 -16.67
CA HIS A 335 5.08 3.15 -17.39
C HIS A 335 4.70 4.60 -17.13
N GLN A 336 3.40 4.88 -17.18
CA GLN A 336 2.93 6.23 -16.99
C GLN A 336 3.08 6.65 -15.53
N LEU A 337 2.84 5.72 -14.60
CA LEU A 337 2.96 6.04 -13.19
C LEU A 337 4.42 6.33 -12.84
N VAL A 338 5.32 5.45 -13.27
CA VAL A 338 6.74 5.66 -13.05
C VAL A 338 7.23 6.91 -13.81
N GLY A 339 6.64 7.16 -14.97
CA GLY A 339 6.97 8.37 -15.71
C GLY A 339 6.72 9.64 -14.91
N GLY A 340 5.60 9.68 -14.20
CA GLY A 340 5.25 10.82 -13.36
C GLY A 340 6.19 10.97 -12.18
N LEU A 341 6.52 9.85 -11.55
CA LEU A 341 7.50 9.82 -10.47
C LEU A 341 8.83 10.35 -10.96
N ARG A 342 9.29 9.87 -12.11
CA ARG A 342 10.55 10.35 -12.68
C ARG A 342 10.54 11.87 -12.89
N ALA A 343 9.41 12.39 -13.35
CA ALA A 343 9.31 13.83 -13.58
C ALA A 343 9.47 14.57 -12.26
N ALA A 344 8.83 14.05 -11.23
CA ALA A 344 8.92 14.64 -9.90
C ALA A 344 10.37 14.61 -9.39
N MET A 345 11.06 13.51 -9.64
CA MET A 345 12.45 13.42 -9.22
C MET A 345 13.29 14.46 -9.97
N GLY A 346 12.96 14.70 -11.23
CA GLY A 346 13.60 15.76 -12.00
C GLY A 346 13.38 17.15 -11.40
N TYR A 347 12.12 17.49 -11.13
CA TYR A 347 11.81 18.80 -10.55
C TYR A 347 12.44 19.05 -9.19
N THR A 348 12.57 17.99 -8.39
CA THR A 348 13.05 18.12 -7.02
C THR A 348 14.55 17.86 -6.86
N GLY A 349 15.23 17.50 -7.96
CA GLY A 349 16.64 17.20 -7.90
C GLY A 349 16.94 15.95 -7.09
N SER A 350 16.03 14.98 -7.11
CA SER A 350 16.21 13.74 -6.36
C SER A 350 16.77 12.64 -7.27
N ALA A 351 18.04 12.27 -7.08
CA ALA A 351 18.65 11.25 -7.92
C ALA A 351 18.16 9.85 -7.57
N THR A 352 17.70 9.69 -6.33
CA THR A 352 17.24 8.42 -5.80
C THR A 352 15.97 8.63 -4.99
N ILE A 353 15.30 7.54 -4.60
CA ILE A 353 14.11 7.68 -3.76
C ILE A 353 14.51 8.19 -2.38
N GLU A 354 15.64 7.77 -1.89
CA GLU A 354 16.16 8.27 -0.64
C GLU A 354 16.32 9.80 -0.63
N GLU A 355 16.69 10.37 -1.75
CA GLU A 355 16.78 11.82 -1.85
C GLU A 355 15.39 12.43 -1.96
N LEU A 356 14.47 11.76 -2.64
CA LEU A 356 13.09 12.27 -2.76
C LEU A 356 12.41 12.34 -1.39
N GLN A 357 12.73 11.40 -0.52
CA GLN A 357 12.20 11.40 0.84
C GLN A 357 12.61 12.63 1.65
N GLN A 358 13.52 13.43 1.12
CA GLN A 358 13.94 14.65 1.79
C GLN A 358 13.36 15.90 1.15
N ALA A 359 12.54 15.75 0.11
CA ALA A 359 12.00 16.91 -0.59
C ALA A 359 11.02 17.68 0.31
N GLN A 360 10.68 18.93 -0.05
CA GLN A 360 9.77 19.72 0.75
C GLN A 360 8.44 19.96 0.04
N PHE A 361 7.42 20.27 0.83
CA PHE A 361 6.08 20.58 0.35
C PHE A 361 5.70 22.03 0.51
N VAL A 362 4.74 22.45 -0.30
CA VAL A 362 3.97 23.65 -0.02
C VAL A 362 2.54 23.21 0.23
N GLN A 363 1.90 23.76 1.26
CA GLN A 363 0.50 23.46 1.51
C GLN A 363 -0.34 24.40 0.65
N ILE A 364 -1.40 23.86 0.04
CA ILE A 364 -2.24 24.70 -0.81
C ILE A 364 -3.63 24.85 -0.21
N THR A 365 -4.37 25.83 -0.70
CA THR A 365 -5.71 26.07 -0.21
C THR A 365 -6.74 25.40 -1.11
N ALA A 366 -8.00 25.51 -0.70
CA ALA A 366 -9.11 25.01 -1.50
C ALA A 366 -9.07 25.55 -2.92
N ALA A 367 -8.72 26.83 -3.07
CA ALA A 367 -8.65 27.46 -4.38
C ALA A 367 -7.60 26.81 -5.29
N GLY A 368 -6.48 26.43 -4.70
CA GLY A 368 -5.36 25.87 -5.47
C GLY A 368 -5.62 24.48 -6.04
P IMP B . -7.08 2.67 -3.23
O1P IMP B . -8.25 2.10 -3.98
O2P IMP B . -7.30 4.15 -2.97
O3P IMP B . -5.81 2.43 -3.97
O5' IMP B . -7.04 1.91 -1.86
C5' IMP B . -6.61 0.58 -1.87
C4' IMP B . -6.42 0.16 -0.39
O4' IMP B . -7.71 0.36 0.32
C3' IMP B . -6.16 -1.16 -0.24
O3' IMP B . -4.76 -1.47 -0.37
C2' IMP B . -6.64 -1.45 1.33
O2' IMP B . -5.61 -0.95 2.23
C1' IMP B . -7.69 -0.77 1.50
N9 IMP B . -8.94 -1.50 1.36
C8 IMP B . -9.24 -2.58 0.63
N7 IMP B . -10.56 -2.86 0.80
C5 IMP B . -11.09 -1.95 1.65
C6 IMP B . -12.47 -1.73 2.23
O6 IMP B . -13.38 -2.44 1.96
N1 IMP B . -12.68 -0.64 3.11
C2 IMP B . -11.61 0.22 3.45
N3 IMP B . -10.27 0.03 2.90
C4 IMP B . -10.06 -1.09 1.99
C10 FWJ C . -12.45 -5.89 8.34
N12 FWJ C . -11.86 -3.87 7.11
C13 FWJ C . -12.51 -3.04 8.10
C20 FWJ C . -10.55 -0.51 6.36
C21 FWJ C . -10.16 0.78 6.73
C24 FWJ C . -8.32 -0.96 5.59
C26 FWJ C . -7.70 -3.19 4.57
C28 FWJ C . -12.01 -4.37 12.69
F01 FWJ C . -10.57 -1.86 14.85
C02 FWJ C . -11.44 -2.48 14.09
C03 FWJ C . -12.75 -1.94 13.86
C04 FWJ C . -13.66 -2.63 13.04
C05 FWJ C . -13.27 -3.86 12.45
C06 FWJ C . -14.21 -4.64 11.55
C07 FWJ C . -13.44 -5.53 10.60
O08 FWJ C . -13.06 -6.57 10.93
N09 FWJ C . -13.17 -5.08 9.27
C11 FWJ C . -11.34 -5.12 7.61
C14 FWJ C . -13.61 -3.83 8.82
S15 FWJ C . -11.62 -3.39 5.55
O16 FWJ C . -11.86 -4.53 4.63
O17 FWJ C . -12.62 -2.47 5.21
C18 FWJ C . -9.97 -2.78 5.34
C19 FWJ C . -9.61 -1.40 5.75
N22 FWJ C . -8.86 1.22 6.54
C23 FWJ C . -7.95 0.39 6.00
C25 FWJ C . -7.33 -1.84 4.99
C27 FWJ C . -9.00 -3.64 4.75
C29 FWJ C . -11.08 -3.65 13.54
#